data_8SV4
#
_entry.id   8SV4
#
_cell.length_a   92.539
_cell.length_b   92.539
_cell.length_c   78.896
_cell.angle_alpha   90.00
_cell.angle_beta   90.00
_cell.angle_gamma   120.00
#
_symmetry.space_group_name_H-M   'P 62'
#
loop_
_entity.id
_entity.type
_entity.pdbx_description
1 polymer 'Ribonuclease H'
2 polymer "DNA (5'-D(*(B86)P*(7DD)P*(B86)P*(7DD)P*(7DA)P*(7DA)P*(UCL)P*(UCL)P*(B86)P*(7DD)P*(B86)P*(7DD))-3')"
3 non-polymer 2-[2-(2-ethoxyethoxy)ethoxy]ethanol
4 non-polymer 'ACETATE ION'
5 non-polymer 'SULFATE ION'
6 non-polymer 1,2-ETHANEDIOL
7 water water
#
loop_
_entity_poly.entity_id
_entity_poly.type
_entity_poly.pdbx_seq_one_letter_code
_entity_poly.pdbx_strand_id
1 'polypeptide(L)'
;GSHMAKEEIIWESLSVDVGSQGNPGIVEYKGVDTKTGEVLFEREPIPIGTNNMGEFLAIVHGLRYLKERNSRKPIYSNSQ
TAIKWVKDKKAKSTLVRNEETALIWKLVDEAEEWLNTHTYETPILKWQTDKWGEIKADYGRK
;
A
2 'polydeoxyribonucleotide' (B86)(7GU)(C37)(7GU)(7DA)(7DA)(UCL)(UCL)(C37)(7GU)(C37)(7GU) B,C
#
loop_
_chem_comp.id
_chem_comp.type
_chem_comp.name
_chem_comp.formula
7DA DNA linking 7-DEAZA-2'-DEOXYADENOSINE-5'-MONOPHOSPHATE 'C11 H15 N4 O6 P'
7GU DNA linking 7-DEAZA-2'-DEOXYGUANOSINE-5'-MONOPHOSPHATE 'C11 H15 N4 O7 P'
ACT non-polymer 'ACETATE ION' 'C2 H3 O2 -1'
B86 non-polymer 2'-deoxy-5-fluorocytidine 'C9 H12 F N3 O4'
C37 DNA linking 5-FLUORO-2'-DEOXY-CYTIDINE-5'-MONOPHOSPHATE 'C9 H13 F N3 O7 P'
EDO non-polymer 1,2-ETHANEDIOL 'C2 H6 O2'
FWN non-polymer 2-[2-(2-ethoxyethoxy)ethoxy]ethanol 'C8 H18 O4'
SO4 non-polymer 'SULFATE ION' 'O4 S -2'
UCL DNA linking '5-CHLORO-2'-DEOXYURIDINE 5'-(DIHYDROGEN PHOSPHATE)' 'C9 H12 Cl N2 O8 P'
#
# COMPACT_ATOMS: atom_id res chain seq x y z
N GLU A 8 9.90 18.59 -5.34
CA GLU A 8 9.16 18.54 -4.05
C GLU A 8 7.64 18.15 -4.22
N ILE A 9 6.85 18.35 -3.17
CA ILE A 9 5.63 17.62 -2.99
C ILE A 9 4.61 17.94 -4.04
N ILE A 10 4.14 16.92 -4.72
CA ILE A 10 2.92 17.00 -5.46
C ILE A 10 1.76 16.78 -4.49
N TRP A 11 0.94 17.81 -4.28
CA TRP A 11 -0.05 17.78 -3.21
C TRP A 11 -1.35 17.10 -3.62
N GLU A 12 -1.73 17.26 -4.88
CA GLU A 12 -2.88 16.54 -5.43
C GLU A 12 -2.47 15.11 -5.74
N SER A 13 -2.48 14.29 -4.71
CA SER A 13 -1.93 12.99 -4.74
C SER A 13 -2.56 12.17 -3.63
N LEU A 14 -2.48 10.86 -3.74
CA LEU A 14 -2.92 9.96 -2.67
C LEU A 14 -1.70 9.40 -1.91
N SER A 15 -1.71 9.50 -0.58
CA SER A 15 -0.68 8.85 0.28
C SER A 15 -1.25 7.63 0.98
N VAL A 16 -0.45 6.56 1.06
CA VAL A 16 -0.88 5.33 1.77
C VAL A 16 0.16 4.93 2.80
N ASP A 17 -0.29 4.28 3.87
CA ASP A 17 0.60 3.72 4.82
C ASP A 17 0.01 2.52 5.52
N VAL A 18 0.87 1.66 6.00
CA VAL A 18 0.46 0.50 6.70
C VAL A 18 0.56 0.77 8.19
N GLY A 19 -0.20 0.05 9.00
CA GLY A 19 0.04 -0.02 10.42
C GLY A 19 -0.17 -1.42 10.94
N SER A 20 0.57 -1.77 11.99
CA SER A 20 0.59 -3.14 12.51
C SER A 20 0.56 -3.11 14.02
N GLN A 21 -0.18 -4.05 14.61
CA GLN A 21 -0.08 -4.33 16.02
C GLN A 21 0.75 -5.57 16.23
N GLY A 22 2.05 -5.37 16.36
CA GLY A 22 3.03 -6.44 16.14
C GLY A 22 3.48 -6.48 14.68
N ASN A 23 4.74 -6.89 14.47
CA ASN A 23 5.24 -7.23 13.11
C ASN A 23 6.07 -8.51 13.18
N PRO A 24 5.47 -9.65 12.82
CA PRO A 24 4.14 -9.71 12.24
C PRO A 24 3.03 -9.60 13.27
N GLY A 25 1.84 -9.19 12.82
CA GLY A 25 0.66 -9.16 13.66
C GLY A 25 -0.58 -8.67 12.90
N ILE A 26 -1.55 -8.14 13.63
CA ILE A 26 -2.73 -7.55 13.02
C ILE A 26 -2.29 -6.37 12.18
N VAL A 27 -2.65 -6.34 10.92
CA VAL A 27 -2.27 -5.22 10.10
C VAL A 27 -3.46 -4.57 9.44
N GLU A 28 -3.37 -3.26 9.25
CA GLU A 28 -4.33 -2.53 8.45
C GLU A 28 -3.58 -1.53 7.56
N TYR A 29 -4.31 -0.80 6.74
CA TYR A 29 -3.75 0.30 6.03
C TYR A 29 -4.78 1.33 5.71
N LYS A 30 -4.33 2.49 5.23
CA LYS A 30 -5.24 3.50 4.73
C LYS A 30 -4.64 4.37 3.66
N GLY A 31 -5.49 4.96 2.87
CA GLY A 31 -5.09 5.98 1.96
C GLY A 31 -5.73 7.29 2.30
N VAL A 32 -4.96 8.36 2.26
CA VAL A 32 -5.49 9.69 2.47
C VAL A 32 -5.11 10.64 1.34
N ASP A 33 -5.93 11.68 1.17
CA ASP A 33 -5.55 12.86 0.39
C ASP A 33 -4.31 13.50 1.00
N THR A 34 -3.24 13.62 0.20
CA THR A 34 -1.97 14.12 0.72
C THR A 34 -2.14 15.57 1.27
N LYS A 35 -2.94 16.39 0.60
CA LYS A 35 -3.22 17.76 1.07
C LYS A 35 -4.16 17.75 2.27
N THR A 36 -5.39 17.29 2.04
CA THR A 36 -6.48 17.36 3.03
C THR A 36 -6.19 16.59 4.31
N GLY A 37 -5.72 15.36 4.17
CA GLY A 37 -5.76 14.41 5.26
C GLY A 37 -7.06 13.61 5.28
N GLU A 38 -7.90 13.82 4.26
CA GLU A 38 -9.16 13.09 4.16
C GLU A 38 -8.88 11.61 3.95
N VAL A 39 -9.49 10.77 4.77
CA VAL A 39 -9.33 9.34 4.67
C VAL A 39 -10.19 8.79 3.54
N LEU A 40 -9.54 8.31 2.50
CA LEU A 40 -10.22 7.92 1.31
C LEU A 40 -10.57 6.41 1.35
N PHE A 41 -9.77 5.63 2.06
CA PHE A 41 -10.11 4.23 2.34
C PHE A 41 -9.29 3.68 3.44
N GLU A 42 -9.84 2.67 4.09
CA GLU A 42 -9.20 2.02 5.20
C GLU A 42 -9.61 0.54 5.20
N ARG A 43 -8.66 -0.32 5.52
CA ARG A 43 -8.86 -1.73 5.37
C ARG A 43 -9.12 -2.33 6.73
N GLU A 44 -10.11 -3.22 6.79
CA GLU A 44 -10.43 -3.93 8.02
C GLU A 44 -9.23 -4.68 8.50
N PRO A 45 -9.05 -4.78 9.80
CA PRO A 45 -7.93 -5.50 10.35
C PRO A 45 -7.75 -6.88 9.74
N ILE A 46 -6.51 -7.20 9.42
CA ILE A 46 -6.14 -8.52 9.01
C ILE A 46 -5.33 -9.20 10.15
N PRO A 47 -5.71 -10.45 10.50
CA PRO A 47 -5.22 -11.01 11.78
C PRO A 47 -3.68 -11.20 11.86
N ILE A 48 -3.08 -11.78 10.84
CA ILE A 48 -1.60 -11.85 10.77
C ILE A 48 -1.11 -11.38 9.43
N GLY A 49 -0.14 -10.49 9.47
CA GLY A 49 0.53 -10.02 8.27
C GLY A 49 1.84 -9.39 8.66
N THR A 50 2.57 -8.89 7.68
CA THR A 50 3.77 -8.12 7.93
C THR A 50 3.58 -6.69 7.52
N ASN A 51 4.46 -5.82 8.01
CA ASN A 51 4.51 -4.44 7.54
C ASN A 51 4.56 -4.36 5.99
N ASN A 52 5.47 -5.13 5.36
CA ASN A 52 5.68 -5.03 3.91
C ASN A 52 4.48 -5.61 3.12
N MET A 53 3.88 -6.67 3.62
CA MET A 53 2.68 -7.20 3.00
C MET A 53 1.55 -6.12 3.04
N GLY A 54 1.28 -5.59 4.24
CA GLY A 54 0.29 -4.52 4.43
C GLY A 54 0.51 -3.36 3.49
N GLU A 55 1.75 -2.89 3.42
CA GLU A 55 2.09 -1.82 2.51
C GLU A 55 1.78 -2.21 1.10
N PHE A 56 2.14 -3.43 0.76
CA PHE A 56 1.98 -3.88 -0.59
C PHE A 56 0.46 -3.83 -1.00
N LEU A 57 -0.39 -4.34 -0.11
CA LEU A 57 -1.80 -4.30 -0.34
C LEU A 57 -2.29 -2.86 -0.47
N ALA A 58 -1.74 -1.98 0.37
CA ALA A 58 -2.12 -0.58 0.37
C ALA A 58 -1.86 0.09 -1.02
N ILE A 59 -0.65 -0.04 -1.54
CA ILE A 59 -0.35 0.54 -2.81
C ILE A 59 -1.29 0.03 -3.87
N VAL A 60 -1.51 -1.28 -3.90
CA VAL A 60 -2.31 -1.86 -4.95
C VAL A 60 -3.78 -1.44 -4.80
N HIS A 61 -4.28 -1.40 -3.55
CA HIS A 61 -5.63 -0.85 -3.32
C HIS A 61 -5.72 0.55 -3.92
N GLY A 62 -4.77 1.38 -3.57
CA GLY A 62 -4.71 2.72 -4.12
C GLY A 62 -4.75 2.73 -5.65
N LEU A 63 -3.89 1.91 -6.25
CA LEU A 63 -3.85 1.83 -7.71
C LEU A 63 -5.24 1.54 -8.25
N ARG A 64 -5.96 0.66 -7.59
CA ARG A 64 -7.28 0.24 -8.05
C ARG A 64 -8.37 1.30 -7.75
N TYR A 65 -8.26 1.93 -6.58
CA TYR A 65 -9.03 3.09 -6.26
C TYR A 65 -8.93 4.16 -7.33
N LEU A 66 -7.70 4.53 -7.69
CA LEU A 66 -7.48 5.64 -8.60
C LEU A 66 -7.91 5.28 -9.99
N LYS A 67 -7.59 4.07 -10.44
CA LYS A 67 -7.95 3.67 -11.80
C LYS A 67 -9.50 3.63 -12.00
N GLU A 68 -10.22 3.11 -11.03
CA GLU A 68 -11.70 3.16 -11.05
C GLU A 68 -12.20 4.56 -11.35
N ARG A 69 -11.45 5.56 -10.95
CA ARG A 69 -11.90 6.92 -10.96
C ARG A 69 -11.21 7.69 -12.06
N ASN A 70 -10.43 7.01 -12.90
CA ASN A 70 -9.66 7.66 -13.96
C ASN A 70 -8.74 8.79 -13.44
N SER A 71 -8.25 8.65 -12.22
CA SER A 71 -7.35 9.65 -11.65
C SER A 71 -5.97 9.62 -12.31
N ARG A 72 -5.36 10.78 -12.40
CA ARG A 72 -4.00 10.88 -12.87
C ARG A 72 -3.07 11.23 -11.73
N LYS A 73 -3.63 11.34 -10.52
CA LYS A 73 -2.83 11.63 -9.35
C LYS A 73 -1.83 10.52 -9.11
N PRO A 74 -0.69 10.87 -8.54
CA PRO A 74 0.31 9.90 -8.11
C PRO A 74 0.01 9.33 -6.74
N ILE A 75 0.69 8.24 -6.40
CA ILE A 75 0.65 7.68 -5.06
C ILE A 75 1.98 7.88 -4.39
N TYR A 76 1.96 8.27 -3.11
CA TYR A 76 3.17 8.34 -2.32
C TYR A 76 3.24 7.17 -1.37
N SER A 77 4.41 6.56 -1.29
CA SER A 77 4.70 5.53 -0.31
C SER A 77 6.04 5.80 0.28
N ASN A 78 6.23 5.42 1.53
CA ASN A 78 7.54 5.56 2.16
C ASN A 78 8.28 4.23 2.24
N SER A 79 7.78 3.22 1.51
CA SER A 79 8.33 1.85 1.58
C SER A 79 9.09 1.50 0.31
N GLN A 80 10.44 1.47 0.42
CA GLN A 80 11.32 1.03 -0.69
C GLN A 80 10.88 -0.35 -1.17
N THR A 81 10.61 -1.21 -0.22
CA THR A 81 10.29 -2.56 -0.50
C THR A 81 8.98 -2.67 -1.31
N ALA A 82 7.89 -2.12 -0.77
CA ALA A 82 6.56 -2.37 -1.36
C ALA A 82 6.53 -1.78 -2.69
N ILE A 83 7.19 -0.64 -2.83
CA ILE A 83 7.28 0.04 -4.11
C ILE A 83 7.96 -0.85 -5.13
N LYS A 84 9.03 -1.50 -4.71
CA LYS A 84 9.77 -2.33 -5.58
C LYS A 84 8.96 -3.54 -5.97
N TRP A 85 8.28 -4.14 -5.00
CA TRP A 85 7.46 -5.32 -5.28
C TRP A 85 6.39 -4.97 -6.29
N VAL A 86 5.84 -3.76 -6.19
CA VAL A 86 4.80 -3.35 -7.10
C VAL A 86 5.38 -3.19 -8.49
N LYS A 87 6.51 -2.54 -8.57
CA LYS A 87 7.17 -2.35 -9.86
C LYS A 87 7.56 -3.71 -10.46
N ASP A 88 7.98 -4.63 -9.61
CA ASP A 88 8.34 -5.98 -10.05
C ASP A 88 7.09 -6.83 -10.37
N LYS A 89 5.92 -6.35 -9.93
CA LYS A 89 4.68 -7.17 -9.94
C LYS A 89 4.90 -8.49 -9.27
N LYS A 90 5.69 -8.47 -8.19
CA LYS A 90 6.02 -9.67 -7.46
C LYS A 90 6.34 -9.33 -6.01
N ALA A 91 5.61 -9.93 -5.09
CA ALA A 91 5.88 -9.77 -3.67
C ALA A 91 6.78 -10.90 -3.15
N LYS A 92 7.87 -10.54 -2.50
CA LYS A 92 8.80 -11.54 -1.97
C LYS A 92 8.78 -11.54 -0.48
N SER A 93 7.64 -11.80 0.11
CA SER A 93 7.53 -11.91 1.60
C SER A 93 8.17 -13.22 2.10
N THR A 94 8.78 -13.17 3.29
CA THR A 94 9.31 -14.39 3.95
C THR A 94 8.31 -15.04 4.90
N LEU A 95 7.09 -14.55 4.93
CA LEU A 95 6.16 -14.98 5.94
C LEU A 95 5.74 -16.37 5.64
N VAL A 96 5.88 -17.24 6.64
CA VAL A 96 5.41 -18.62 6.51
C VAL A 96 3.95 -18.67 6.01
N ARG A 97 3.66 -19.69 5.23
CA ARG A 97 2.31 -19.97 4.77
C ARG A 97 1.70 -21.09 5.59
N ASN A 98 0.84 -20.74 6.55
CA ASN A 98 0.09 -21.76 7.33
C ASN A 98 -1.36 -21.32 7.52
N GLU A 99 -2.08 -21.99 8.42
CA GLU A 99 -3.50 -21.71 8.61
C GLU A 99 -3.69 -20.27 9.05
N GLU A 100 -2.78 -19.80 9.89
CA GLU A 100 -2.94 -18.51 10.52
C GLU A 100 -2.52 -17.34 9.60
N THR A 101 -1.96 -17.68 8.42
CA THR A 101 -1.48 -16.65 7.50
C THR A 101 -2.13 -16.76 6.15
N ALA A 102 -3.15 -17.61 6.02
CA ALA A 102 -3.77 -17.87 4.71
C ALA A 102 -4.50 -16.63 4.18
N LEU A 103 -5.18 -15.90 5.07
CA LEU A 103 -5.93 -14.73 4.66
C LEU A 103 -5.00 -13.70 3.99
N ILE A 104 -3.90 -13.36 4.65
CA ILE A 104 -3.00 -12.32 4.12
C ILE A 104 -2.34 -12.80 2.82
N TRP A 105 -2.10 -14.08 2.72
CA TRP A 105 -1.43 -14.61 1.55
C TRP A 105 -2.41 -14.68 0.39
N LYS A 106 -3.66 -14.97 0.67
CA LYS A 106 -4.70 -14.89 -0.37
C LYS A 106 -4.76 -13.46 -0.90
N LEU A 107 -4.75 -12.49 0.02
CA LEU A 107 -4.85 -11.10 -0.34
C LEU A 107 -3.66 -10.67 -1.17
N VAL A 108 -2.46 -11.08 -0.74
CA VAL A 108 -1.22 -10.70 -1.45
C VAL A 108 -1.16 -11.32 -2.87
N ASP A 109 -1.51 -12.62 -2.98
CA ASP A 109 -1.53 -13.31 -4.30
C ASP A 109 -2.49 -12.63 -5.28
N GLU A 110 -3.69 -12.32 -4.81
CA GLU A 110 -4.71 -11.67 -5.65
C GLU A 110 -4.27 -10.29 -6.13
N ALA A 111 -3.58 -9.56 -5.28
CA ALA A 111 -3.06 -8.25 -5.65
C ALA A 111 -1.91 -8.37 -6.65
N GLU A 112 -1.12 -9.42 -6.50
CA GLU A 112 -0.08 -9.80 -7.52
C GLU A 112 -0.74 -10.12 -8.83
N GLU A 113 -1.76 -10.96 -8.76
CA GLU A 113 -2.58 -11.29 -9.90
C GLU A 113 -3.13 -10.00 -10.58
N TRP A 114 -3.69 -9.09 -9.78
CA TRP A 114 -4.24 -7.89 -10.34
C TRP A 114 -3.19 -7.15 -11.09
N LEU A 115 -2.01 -7.01 -10.51
CA LEU A 115 -0.91 -6.22 -11.14
C LEU A 115 -0.44 -6.84 -12.49
N ASN A 116 -0.58 -8.15 -12.62
CA ASN A 116 -0.06 -8.86 -13.76
C ASN A 116 -1.13 -8.99 -14.83
N THR A 117 -2.34 -8.55 -14.50
CA THR A 117 -3.50 -8.69 -15.42
C THR A 117 -4.08 -7.32 -15.80
N HIS A 118 -3.38 -6.24 -15.46
CA HIS A 118 -3.94 -4.91 -15.62
C HIS A 118 -2.84 -3.91 -15.84
N THR A 119 -3.16 -2.80 -16.53
CA THR A 119 -2.24 -1.66 -16.67
C THR A 119 -2.67 -0.52 -15.77
N TYR A 120 -1.77 0.43 -15.56
CA TYR A 120 -2.08 1.59 -14.76
C TYR A 120 -1.17 2.75 -15.06
N GLU A 121 -1.67 3.93 -14.82
CA GLU A 121 -1.08 5.18 -15.26
C GLU A 121 -0.39 5.85 -14.06
N THR A 122 -0.83 5.47 -12.87
CA THR A 122 -0.44 6.15 -11.67
C THR A 122 1.08 6.06 -11.43
N PRO A 123 1.73 7.20 -11.30
CA PRO A 123 3.11 7.23 -10.83
C PRO A 123 3.21 6.90 -9.34
N ILE A 124 4.13 6.01 -9.00
CA ILE A 124 4.36 5.62 -7.62
C ILE A 124 5.63 6.28 -7.14
N LEU A 125 5.51 7.10 -6.12
CA LEU A 125 6.58 8.02 -5.74
C LEU A 125 6.97 7.86 -4.30
N LYS A 126 8.26 7.98 -4.03
CA LYS A 126 8.80 7.82 -2.71
C LYS A 126 8.49 9.03 -1.89
N TRP A 127 7.90 8.83 -0.74
CA TRP A 127 7.74 9.90 0.18
C TRP A 127 9.03 10.12 0.88
N GLN A 128 9.55 11.33 0.77
CA GLN A 128 10.89 11.64 1.21
C GLN A 128 10.87 12.17 2.63
N THR A 129 10.94 11.26 3.59
CA THR A 129 10.59 11.53 4.97
C THR A 129 11.57 12.47 5.67
N ASP A 130 12.86 12.26 5.44
CA ASP A 130 13.87 13.09 6.07
C ASP A 130 13.64 14.56 5.74
N LYS A 131 13.19 14.83 4.52
CA LYS A 131 12.96 16.21 4.05
C LYS A 131 11.53 16.74 4.40
N TRP A 132 10.53 15.84 4.44
CA TRP A 132 9.10 16.27 4.43
C TRP A 132 8.33 15.93 5.69
N GLY A 133 8.92 15.13 6.56
CA GLY A 133 8.21 14.62 7.74
C GLY A 133 7.45 13.32 7.48
N GLU A 134 6.97 12.70 8.56
CA GLU A 134 5.91 11.68 8.50
C GLU A 134 5.02 11.84 7.27
N ILE A 135 4.95 10.81 6.46
CA ILE A 135 3.91 10.74 5.43
C ILE A 135 2.52 10.95 6.06
N LYS A 136 1.57 11.51 5.30
CA LYS A 136 0.29 11.95 5.86
C LYS A 136 -0.56 10.80 6.34
N ALA A 137 -0.31 9.62 5.80
CA ALA A 137 -1.18 8.48 6.05
C ALA A 137 -0.75 7.69 7.26
N ASP A 138 0.33 8.10 7.92
CA ASP A 138 0.84 7.37 9.08
C ASP A 138 -0.24 7.29 10.16
N TYR A 139 -0.22 6.23 10.95
CA TYR A 139 -1.16 6.09 12.07
C TYR A 139 -0.63 6.79 13.33
C1 B86 B 1 13.32 -2.06 16.01
N2 B86 B 1 12.08 -2.57 15.78
C3 B86 B 1 11.69 -3.71 16.35
N4 B86 B 1 12.57 -4.38 17.23
C5 B86 B 1 13.81 -3.89 17.46
C6 B86 B 1 14.20 -2.72 16.85
N7 B86 B 1 13.71 -0.90 15.42
F8 B86 B 1 15.44 -2.20 17.08
O9 B86 B 1 10.55 -4.18 16.10
C10 B86 B 1 12.13 -5.60 17.89
O11 B86 B 1 12.91 -5.83 19.09
C12 B86 B 1 13.56 -7.12 19.03
C13 B86 B 1 13.41 -7.62 17.61
O13 B86 B 1 13.03 -8.99 17.57
C14 B86 B 1 12.35 -6.76 16.96
C15 B86 B 1 15.03 -7.05 19.43
O16 B86 B 1 15.70 -5.97 18.77
P 7GU B 2 13.51 -9.93 16.37
OP1 7GU B 2 13.31 -11.36 16.80
OP2 7GU B 2 14.83 -9.40 15.89
O5' 7GU B 2 12.46 -9.63 15.23
N9 7GU B 2 11.83 -6.63 12.97
C4 7GU B 2 11.64 -5.39 12.48
N3 7GU B 2 10.68 -4.86 11.68
C2 7GU B 2 10.75 -3.53 11.29
N2 7GU B 2 9.73 -2.96 10.59
N1 7GU B 2 11.78 -2.74 11.69
C6 7GU B 2 12.74 -3.23 12.50
O6 7GU B 2 13.68 -2.48 12.86
C5 7GU B 2 12.70 -4.59 12.90
C7 7GU B 2 13.50 -5.36 13.67
C8 7GU B 2 12.94 -6.62 13.73
C2' 7GU B 2 11.49 -8.96 12.13
C5' 7GU B 2 11.15 -10.19 15.33
C4' 7GU B 2 10.37 -9.63 14.16
O4' 7GU B 2 10.52 -8.21 14.13
C1' 7GU B 2 10.90 -7.76 12.83
C3' 7GU B 2 10.90 -10.15 12.84
O3' 7GU B 2 9.81 -10.72 12.11
P C37 B 3 10.06 -11.45 10.69
O1P C37 B 3 8.97 -12.46 10.46
O2P C37 B 3 11.45 -12.04 10.69
O5' C37 B 3 9.97 -10.26 9.63
C5' C37 B 3 8.70 -9.68 9.45
C4' C37 B 3 8.77 -8.56 8.45
O4' C37 B 3 9.62 -7.55 8.92
C3' C37 B 3 9.28 -9.01 7.10
O3' C37 B 3 8.18 -8.86 6.16
C2' C37 B 3 10.42 -8.06 6.79
C1' C37 B 3 10.26 -6.94 7.81
N1 C37 B 3 11.49 -6.35 8.30
C2 C37 B 3 11.75 -4.95 8.10
O2 C37 B 3 11.02 -4.28 7.38
N3 C37 B 3 12.84 -4.37 8.67
C4 C37 B 3 13.65 -5.12 9.47
N4 C37 B 3 14.71 -4.55 10.04
C5 C37 B 3 13.37 -6.48 9.70
C6 C37 B 3 12.26 -7.06 9.13
F C37 B 3 14.12 -7.22 10.51
P 7GU B 4 8.19 -9.64 4.77
OP1 7GU B 4 6.84 -9.51 4.14
OP2 7GU B 4 8.73 -11.02 5.03
O5' 7GU B 4 9.18 -8.79 3.91
N9 7GU B 4 13.77 -6.99 4.66
C4 7GU B 4 14.39 -5.89 5.05
N3 7GU B 4 14.42 -4.67 4.53
C2 7GU B 4 15.12 -3.67 5.13
N2 7GU B 4 14.86 -2.40 4.78
N1 7GU B 4 15.87 -3.93 6.26
C6 7GU B 4 15.87 -5.17 6.80
O6 7GU B 4 16.56 -5.39 7.83
C5 7GU B 4 15.13 -6.18 6.20
C7 7GU B 4 14.94 -7.50 6.48
C8 7GU B 4 14.09 -8.02 5.53
C2' 7GU B 4 13.41 -8.14 2.47
C5' 7GU B 4 10.26 -9.36 3.18
C4' 7GU B 4 11.03 -8.21 2.65
O4' 7GU B 4 11.56 -7.48 3.76
C1' 7GU B 4 12.90 -7.09 3.45
C3' 7GU B 4 12.19 -8.58 1.73
O3' 7GU B 4 12.02 -7.81 0.51
P 7DA B 5 13.07 -7.97 -0.74
OP1 7DA B 5 12.26 -7.97 -2.01
OP2 7DA B 5 14.01 -9.11 -0.42
O5' 7DA B 5 13.94 -6.61 -0.68
N9 7DA B 5 16.70 -4.92 1.53
C4 7DA B 5 17.47 -4.43 2.57
N3 7DA B 5 18.02 -3.26 2.84
C2 7DA B 5 18.79 -3.10 3.93
N1 7DA B 5 19.04 -4.10 4.79
C6 7DA B 5 18.52 -5.31 4.62
N6 7DA B 5 18.77 -6.33 5.50
C5 7DA B 5 17.69 -5.55 3.44
C7 7DA B 5 17.03 -6.66 2.94
C8 7DA B 5 16.40 -6.28 1.76
C2' 7DA B 5 16.54 -4.60 -0.96
C5' 7DA B 5 13.27 -5.38 -0.97
C4' 7DA B 5 14.19 -4.18 -0.86
O4' 7DA B 5 14.72 -4.07 0.46
C1' 7DA B 5 16.17 -4.09 0.41
C3' 7DA B 5 15.37 -4.23 -1.81
O3' 7DA B 5 15.52 -2.91 -2.33
P 7DA B 6 16.64 -2.60 -3.39
OP1 7DA B 6 16.16 -1.46 -4.27
OP2 7DA B 6 17.08 -3.89 -4.00
O5' 7DA B 6 17.81 -2.07 -2.49
N9 7DA B 6 20.61 -3.10 0.29
C4 7DA B 6 21.16 -3.49 1.47
N3 7DA B 6 21.91 -2.86 2.39
C2 7DA B 6 22.37 -3.54 3.48
N1 7DA B 6 22.10 -4.86 3.67
C6 7DA B 6 21.36 -5.59 2.77
N6 7DA B 6 21.10 -6.91 2.98
C5 7DA B 6 20.84 -4.88 1.60
C7 7DA B 6 20.09 -5.29 0.51
C8 7DA B 6 19.92 -4.17 -0.29
C2' 7DA B 6 21.06 -1.56 -1.60
C5' 7DA B 6 17.68 -0.78 -1.91
C4' 7DA B 6 18.98 -0.38 -1.21
O4' 7DA B 6 19.27 -1.25 -0.08
C1' 7DA B 6 20.62 -1.73 -0.17
C3' 7DA B 6 20.18 -0.43 -2.13
O3' 7DA B 6 20.80 0.86 -2.05
P UCL B 7 22.28 1.09 -2.60
O1P UCL B 7 22.47 0.21 -3.80
O2P UCL B 7 22.50 2.55 -2.69
O5' UCL B 7 23.19 0.55 -1.39
C5' UCL B 7 23.11 1.23 -0.16
C4' UCL B 7 24.26 0.82 0.71
O4' UCL B 7 24.08 -0.54 1.15
C3' UCL B 7 25.59 0.89 -0.01
O3' UCL B 7 26.51 1.65 0.82
C2' UCL B 7 26.03 -0.56 -0.18
C1' UCL B 7 25.29 -1.29 0.93
N1 UCL B 7 24.92 -2.66 0.64
C2 UCL B 7 25.08 -3.66 1.64
O2 UCL B 7 25.67 -3.38 2.71
N3 UCL B 7 24.64 -4.91 1.45
C4 UCL B 7 24.02 -5.21 0.28
O4 UCL B 7 23.59 -6.36 0.07
C5 UCL B 7 23.86 -4.26 -0.68
C6 UCL B 7 24.29 -2.97 -0.49
CL UCL B 7 23.03 -4.72 -2.17
P UCL B 8 28.10 1.78 0.42
O1P UCL B 8 28.27 1.38 -1.02
O2P UCL B 8 28.57 3.14 0.86
O5' UCL B 8 28.79 0.66 1.35
C5' UCL B 8 28.47 0.61 2.74
C4' UCL B 8 29.19 -0.56 3.43
O4' UCL B 8 28.56 -1.83 3.13
C3' UCL B 8 30.66 -0.69 3.01
O3' UCL B 8 31.45 -0.80 4.26
C2' UCL B 8 30.73 -1.94 2.16
C1' UCL B 8 29.58 -2.80 2.69
N1 UCL B 8 29.00 -3.73 1.71
C2 UCL B 8 28.76 -5.11 2.05
O2 UCL B 8 29.10 -5.56 3.18
N3 UCL B 8 28.14 -5.93 1.17
C4 UCL B 8 27.72 -5.45 -0.03
O4 UCL B 8 27.13 -6.22 -0.84
C5 UCL B 8 27.94 -4.11 -0.38
C6 UCL B 8 28.57 -3.26 0.51
CL UCL B 8 27.41 -3.48 -1.97
P C37 B 9 33.01 -1.23 4.24
O1P C37 B 9 33.69 -0.63 5.45
O2P C37 B 9 33.62 -0.78 2.91
O5' C37 B 9 32.97 -2.80 4.36
C5' C37 B 9 32.45 -3.38 5.55
C4' C37 B 9 32.75 -4.86 5.51
O4' C37 B 9 31.96 -5.51 4.46
C3' C37 B 9 34.22 -5.10 5.17
O3' C37 B 9 34.69 -6.16 6.04
C2' C37 B 9 34.22 -5.54 3.72
C1' C37 B 9 32.85 -6.21 3.54
N1 C37 B 9 32.30 -6.22 2.15
C2 C37 B 9 31.67 -7.39 1.67
O2 C37 B 9 31.63 -8.41 2.41
N3 C37 B 9 31.11 -7.42 0.45
C4 C37 B 9 31.16 -6.33 -0.34
N4 C37 B 9 30.62 -6.39 -1.58
C5 C37 B 9 31.78 -5.18 0.09
C6 C37 B 9 32.34 -5.13 1.36
F C37 B 9 31.82 -4.11 -0.75
P 7GU B 10 36.27 -6.42 6.24
OP1 7GU B 10 36.52 -6.33 7.65
OP2 7GU B 10 36.95 -5.53 5.31
O5' 7GU B 10 36.41 -7.87 5.74
N9 7GU B 10 35.33 -9.38 1.91
C4 7GU B 10 34.56 -9.75 0.87
N3 7GU B 10 33.97 -10.92 0.58
C2 7GU B 10 33.25 -11.06 -0.57
N2 7GU B 10 32.77 -12.29 -0.91
N1 7GU B 10 33.08 -10.00 -1.44
C6 7GU B 10 33.64 -8.80 -1.15
O6 7GU B 10 33.49 -7.80 -1.94
C5 7GU B 10 34.42 -8.66 0.02
C7 7GU B 10 35.11 -7.61 0.57
C8 7GU B 10 35.68 -8.07 1.75
C2' 7GU B 10 37.10 -10.28 3.50
C5' 7GU B 10 35.69 -8.91 6.37
C4' 7GU B 10 35.65 -10.12 5.45
O4' 7GU B 10 34.90 -9.85 4.25
C1' 7GU B 10 35.65 -10.28 3.07
C3' 7GU B 10 37.04 -10.57 5.00
O3' 7GU B 10 37.15 -11.99 5.31
P C37 B 11 38.30 -12.89 4.65
O1P C37 B 11 39.40 -11.98 4.11
O2P C37 B 11 38.79 -13.88 5.69
O5' C37 B 11 37.57 -13.66 3.47
C5' C37 B 11 36.35 -14.33 3.77
C4' C37 B 11 35.99 -15.25 2.62
O4' C37 B 11 35.49 -14.48 1.50
C3' C37 B 11 37.21 -16.01 2.13
O3' C37 B 11 36.80 -17.34 1.77
C2' C37 B 11 37.67 -15.27 0.91
C1' C37 B 11 36.43 -14.56 0.40
N1 C37 B 11 36.71 -13.22 -0.13
C2 C37 B 11 36.10 -12.85 -1.32
O2 C37 B 11 35.33 -13.68 -1.91
N3 C37 B 11 36.29 -11.62 -1.83
C4 C37 B 11 37.09 -10.74 -1.19
N4 C37 B 11 37.29 -9.49 -1.71
C5 C37 B 11 37.71 -11.09 -0.02
C6 C37 B 11 37.49 -12.34 0.53
F C37 B 11 38.47 -10.18 0.61
P 7GU B 12 37.91 -18.48 1.60
OP1 7GU B 12 37.42 -19.70 2.33
OP2 7GU B 12 39.27 -17.87 1.90
O5' 7GU B 12 37.84 -18.80 0.05
N9 7GU B 12 38.54 -15.95 -2.83
C4 7GU B 12 38.22 -14.93 -3.62
N3 7GU B 12 37.42 -14.89 -4.70
C2 7GU B 12 37.20 -13.75 -5.39
N2 7GU B 12 36.36 -13.82 -6.48
N1 7GU B 12 37.83 -12.55 -5.00
C6 7GU B 12 38.64 -12.54 -3.89
O6 7GU B 12 39.22 -11.46 -3.53
C5 7GU B 12 38.85 -13.77 -3.18
C7 7GU B 12 39.60 -14.13 -2.07
C8 7GU B 12 39.41 -15.50 -1.87
C2' 7GU B 12 39.01 -18.44 -2.76
C5' 7GU B 12 36.65 -19.26 -0.58
C4' 7GU B 12 36.80 -19.09 -2.07
O4' 7GU B 12 36.80 -17.67 -2.40
C1' 7GU B 12 38.02 -17.36 -3.11
C3' 7GU B 12 38.13 -19.65 -2.54
O3' 7GU B 12 37.96 -20.35 -3.76
C1 B86 C 1 38.07 -9.21 -6.56
N2 B86 C 1 37.63 -10.46 -6.86
C3 B86 C 1 37.24 -10.75 -8.16
N4 B86 C 1 37.28 -9.74 -9.16
C5 B86 C 1 37.68 -8.51 -8.84
C6 B86 C 1 38.09 -8.23 -7.54
N7 B86 C 1 38.48 -8.88 -5.29
F8 B86 C 1 38.50 -7.00 -7.23
O9 B86 C 1 36.83 -11.90 -8.46
C10 B86 C 1 36.86 -10.05 -10.57
O11 B86 C 1 37.61 -9.24 -11.51
C12 B86 C 1 36.71 -8.43 -12.33
C13 B86 C 1 35.37 -8.46 -11.63
O13 B86 C 1 34.30 -8.50 -12.58
C14 B86 C 1 35.40 -9.72 -10.79
C15 B86 C 1 37.25 -7.00 -12.51
O16 B86 C 1 37.27 -6.30 -11.26
P 7GU C 2 32.80 -8.17 -12.09
OP1 7GU C 2 31.93 -8.03 -13.33
OP2 7GU C 2 32.87 -7.10 -11.04
O5' 7GU C 2 32.34 -9.52 -11.39
N9 7GU C 2 32.89 -10.81 -7.90
C4 7GU C 2 33.42 -11.27 -6.74
N3 7GU C 2 33.35 -12.48 -6.13
C2 7GU C 2 33.99 -12.69 -4.94
N2 7GU C 2 33.94 -13.94 -4.37
N1 7GU C 2 34.70 -11.68 -4.33
C6 7GU C 2 34.77 -10.45 -4.92
O6 7GU C 2 35.40 -9.53 -4.34
C5 7GU C 2 34.13 -10.24 -6.15
C7 7GU C 2 34.01 -9.14 -6.98
C8 7GU C 2 33.24 -9.50 -8.06
C2' 7GU C 2 30.74 -11.08 -9.18
C5' 7GU C 2 32.17 -10.70 -12.15
C4' 7GU C 2 31.85 -11.82 -11.18
O4' 7GU C 2 32.80 -11.84 -10.09
C1' 7GU C 2 32.09 -11.66 -8.83
C3' 7GU C 2 30.48 -11.60 -10.57
O3' 7GU C 2 29.81 -12.89 -10.54
P C37 C 3 28.34 -13.02 -9.87
O1P C37 C 3 27.69 -11.65 -9.83
O2P C37 C 3 27.54 -14.03 -10.65
O5' C37 C 3 28.63 -13.57 -8.39
C5' C37 C 3 29.41 -14.75 -8.24
C4' C37 C 3 29.31 -15.24 -6.82
O4' C37 C 3 30.21 -14.50 -5.96
C3' C37 C 3 27.91 -15.03 -6.28
O3' C37 C 3 27.51 -16.24 -5.64
C2' C37 C 3 28.01 -13.90 -5.29
C1' C37 C 3 29.49 -13.83 -4.92
N1 C37 C 3 29.97 -12.45 -4.77
C2 C37 C 3 30.79 -12.14 -3.67
O2 C37 C 3 31.06 -13.05 -2.82
N3 C37 C 3 31.27 -10.89 -3.50
C4 C37 C 3 30.97 -9.93 -4.43
N4 C37 C 3 31.46 -8.68 -4.30
C5 C37 C 3 30.18 -10.23 -5.50
C6 C37 C 3 29.67 -11.50 -5.67
F C37 C 3 29.92 -9.27 -6.43
P 7GU C 4 26.11 -16.31 -4.87
OP1 7GU C 4 25.58 -17.69 -5.00
OP2 7GU C 4 25.27 -15.13 -5.31
O5' 7GU C 4 26.53 -16.08 -3.35
N9 7GU C 4 27.72 -13.01 -1.20
C4 7GU C 4 28.51 -12.02 -0.75
N3 7GU C 4 29.39 -11.97 0.29
C2 7GU C 4 30.06 -10.81 0.54
N2 7GU C 4 30.83 -10.71 1.65
N1 7GU C 4 29.86 -9.70 -0.26
C6 7GU C 4 29.00 -9.76 -1.33
O6 7GU C 4 28.82 -8.74 -2.08
C5 7GU C 4 28.31 -10.92 -1.57
C7 7GU C 4 27.38 -11.26 -2.52
C8 7GU C 4 27.02 -12.57 -2.29
C2' 7GU C 4 26.29 -14.89 -0.43
C5' 7GU C 4 27.35 -17.05 -2.74
C4' 7GU C 4 27.71 -16.55 -1.35
O4' 7GU C 4 28.36 -15.26 -1.45
C1' 7GU C 4 27.68 -14.34 -0.60
C3' 7GU C 4 26.51 -16.36 -0.44
O3' 7GU C 4 26.86 -16.84 0.87
P 7DA C 5 25.75 -17.03 2.01
OP1 7DA C 5 25.80 -18.47 2.47
OP2 7DA C 5 24.46 -16.43 1.51
O5' 7DA C 5 26.31 -16.14 3.19
N9 7DA C 5 27.04 -12.18 3.10
C4 7DA C 5 27.41 -10.90 2.88
N3 7DA C 5 28.28 -10.10 3.48
C2 7DA C 5 28.46 -8.81 3.05
N1 7DA C 5 27.77 -8.31 1.98
C6 7DA C 5 26.89 -9.07 1.31
N6 7DA C 5 26.18 -8.52 0.27
C5 7DA C 5 26.65 -10.43 1.77
C7 7DA C 5 25.82 -11.46 1.34
C8 7DA C 5 26.06 -12.57 2.17
C2' 7DA C 5 26.70 -13.51 5.20
C5' 7DA C 5 27.49 -16.55 3.80
C4' 7DA C 5 28.08 -15.34 4.46
O4' 7DA C 5 28.17 -14.25 3.52
C1' 7DA C 5 27.66 -13.05 4.13
C3' 7DA C 5 27.23 -14.87 5.62
O3' 7DA C 5 28.06 -14.77 6.79
P 7DA C 6 27.42 -14.45 8.23
OP1 7DA C 6 28.32 -15.04 9.28
OP2 7DA C 6 25.95 -14.84 8.17
O5' 7DA C 6 27.52 -12.85 8.31
N9 7DA C 6 26.18 -9.25 6.19
C4 7DA C 6 26.02 -8.22 5.28
N3 7DA C 6 26.52 -6.98 5.17
C2 7DA C 6 26.16 -6.14 4.14
N1 7DA C 6 25.26 -6.50 3.20
C6 7DA C 6 24.70 -7.73 3.26
N6 7DA C 6 23.77 -8.08 2.34
C5 7DA C 6 25.09 -8.67 4.34
C7 7DA C 6 24.72 -9.97 4.68
C8 7DA C 6 25.40 -10.33 5.82
C2' 7DA C 6 26.64 -9.48 8.68
C5' 7DA C 6 28.79 -12.26 8.41
C4' 7DA C 6 28.67 -10.77 8.34
O4' 7DA C 6 28.12 -10.34 7.09
C1' 7DA C 6 27.19 -9.25 7.29
C3' 7DA C 6 27.77 -10.21 9.42
O3' 7DA C 6 28.55 -9.33 10.22
P UCL C 7 27.88 -8.50 11.39
O1P UCL C 7 26.67 -9.29 11.89
O2P UCL C 7 28.95 -8.11 12.35
O5' UCL C 7 27.43 -7.16 10.64
C5' UCL C 7 28.47 -6.35 10.13
C4' UCL C 7 27.89 -5.12 9.43
O4' UCL C 7 27.05 -5.50 8.31
C3' UCL C 7 27.05 -4.25 10.34
O3' UCL C 7 27.54 -2.90 10.17
C2' UCL C 7 25.62 -4.38 9.83
C1' UCL C 7 25.81 -4.73 8.37
N1 UCL C 7 24.73 -5.53 7.76
C2 UCL C 7 24.15 -5.07 6.56
O2 UCL C 7 24.45 -3.94 6.09
N3 UCL C 7 23.23 -5.82 5.94
C4 UCL C 7 22.90 -7.02 6.41
O4 UCL C 7 22.04 -7.73 5.78
C5 UCL C 7 23.49 -7.50 7.58
C6 UCL C 7 24.42 -6.75 8.22
CL UCL C 7 23.05 -9.10 8.21
P UCL C 8 26.79 -1.68 10.87
O1P UCL C 8 26.01 -2.22 12.05
O2P UCL C 8 27.79 -0.58 11.07
O5' UCL C 8 25.79 -1.18 9.75
C5' UCL C 8 26.33 -0.65 8.55
C4' UCL C 8 25.26 0.04 7.75
O4' UCL C 8 24.34 -0.91 7.16
C3' UCL C 8 24.42 0.97 8.61
O3' UCL C 8 24.34 2.21 7.88
C2' UCL C 8 23.08 0.28 8.77
C1' UCL C 8 22.97 -0.60 7.53
N1 UCL C 8 22.22 -1.85 7.69
C2 UCL C 8 21.33 -2.28 6.66
O2 UCL C 8 21.10 -1.54 5.67
N3 UCL C 8 20.69 -3.46 6.75
C4 UCL C 8 20.94 -4.27 7.81
O4 UCL C 8 20.35 -5.42 7.89
C5 UCL C 8 21.84 -3.86 8.79
C6 UCL C 8 22.49 -2.68 8.70
CL UCL C 8 22.18 -4.89 10.15
P C37 C 9 23.26 3.33 8.28
O1P C37 C 9 23.75 4.69 7.80
O2P C37 C 9 23.03 3.24 9.79
O5' C37 C 9 21.93 2.90 7.48
C5' C37 C 9 21.88 3.09 6.06
C4' C37 C 9 20.47 2.84 5.56
O4' C37 C 9 20.09 1.48 5.77
C3' C37 C 9 19.44 3.68 6.26
O3' C37 C 9 18.91 4.62 5.36
C2' C37 C 9 18.37 2.75 6.75
C1' C37 C 9 18.70 1.41 6.13
N1 C37 C 9 18.52 0.27 7.01
C2 C37 C 9 17.72 -0.80 6.58
O2 C37 C 9 17.07 -0.70 5.49
N3 C37 C 9 17.62 -1.92 7.32
C4 C37 C 9 18.30 -2.02 8.47
N4 C37 C 9 18.21 -3.13 9.21
C5 C37 C 9 19.11 -0.97 8.90
C6 C37 C 9 19.22 0.17 8.14
F C37 C 9 19.79 -1.07 10.07
P 7GU C 10 18.15 5.91 5.90
OP1 7GU C 10 18.38 6.95 4.93
OP2 7GU C 10 18.52 6.06 7.28
O5' 7GU C 10 16.67 5.42 5.86
N9 7GU C 10 14.39 2.12 7.58
C4 7GU C 10 14.00 0.81 7.69
N3 7GU C 10 13.03 0.08 7.07
C2 7GU C 10 12.81 -1.23 7.41
N2 7GU C 10 11.72 -1.87 6.91
N1 7GU C 10 13.60 -1.85 8.36
C6 7GU C 10 14.60 -1.15 8.98
O6 7GU C 10 15.32 -1.72 9.85
C5 7GU C 10 14.80 0.20 8.65
C7 7GU C 10 15.68 1.15 9.11
C8 7GU C 10 15.44 2.32 8.43
C2' 7GU C 10 13.58 4.48 7.17
C5' 7GU C 10 15.98 5.22 4.63
C4' 7GU C 10 14.65 4.60 4.96
O4' 7GU C 10 14.81 3.28 5.54
C1' 7GU C 10 13.86 3.08 6.61
C3' 7GU C 10 13.82 5.41 5.99
O3' 7GU C 10 12.59 5.80 5.35
P C37 C 11 11.41 6.49 6.19
O1P C37 C 11 10.44 7.13 5.22
O2P C37 C 11 12.01 7.45 7.19
O5' C37 C 11 10.74 5.31 6.93
C5' C37 C 11 9.74 4.60 6.28
C4' C37 C 11 9.21 3.57 7.21
O4' C37 C 11 10.25 2.71 7.72
C3' C37 C 11 8.52 4.17 8.45
O3' C37 C 11 7.18 3.66 8.46
C2' C37 C 11 9.26 3.60 9.62
C1' C37 C 11 9.89 2.34 9.04
N1 C37 C 11 11.00 1.82 9.84
C2 C37 C 11 11.00 0.45 10.16
O2 C37 C 11 10.05 -0.28 9.73
N3 C37 C 11 11.98 -0.09 10.91
C4 C37 C 11 13.00 0.68 11.35
N4 C37 C 11 13.97 0.15 12.12
C5 C37 C 11 13.01 2.03 11.05
C6 C37 C 11 11.99 2.58 10.27
F C37 C 11 14.01 2.79 11.51
P 7GU C 12 5.98 4.51 9.09
OP1 7GU C 12 5.09 4.98 7.95
OP2 7GU C 12 6.54 5.53 10.05
O5' 7GU C 12 5.22 3.42 9.94
N9 7GU C 12 7.46 0.96 12.44
C4 7GU C 12 8.33 0.15 13.01
N3 7GU C 12 8.25 -1.16 13.32
C2 7GU C 12 9.28 -1.78 13.90
N2 7GU C 12 9.18 -3.11 14.16
N1 7GU C 12 10.45 -1.09 14.20
C6 7GU C 12 10.55 0.23 13.89
O6 7GU C 12 11.60 0.89 14.16
C5 7GU C 12 9.47 0.87 13.29
C7 7GU C 12 9.28 2.14 12.87
C8 7GU C 12 8.02 2.19 12.33
C2' 7GU C 12 5.03 1.43 12.57
C5' 7GU C 12 4.71 2.26 9.28
C4' 7GU C 12 4.66 1.06 10.23
O4' 7GU C 12 5.99 0.65 10.56
C1' 7GU C 12 6.11 0.55 11.99
C3' 7GU C 12 3.96 1.37 11.55
O3' 7GU C 12 3.08 0.29 11.90
O4 FWN D . -7.89 -4.56 -3.50
C5 FWN D . -8.65 -3.50 -4.13
C6 FWN D . -10.15 -3.63 -3.87
O7 FWN D . -10.87 -2.73 -4.75
C8 FWN D . -10.80 -1.35 -4.31
C9 FWN D . -12.05 -0.60 -4.78
O10 FWN D . -12.09 0.75 -4.24
C11 FWN D . -13.27 1.49 -4.67
C12 FWN D . -14.22 1.79 -3.50
O13 FWN D . -15.58 1.95 -3.99
C14 FWN D . -16.53 2.15 -2.91
C1 FWN D . -17.45 0.92 -2.75
C ACT E . 8.29 -0.51 5.12
O ACT E . 9.06 0.41 5.65
OXT ACT E . 8.76 -1.42 4.37
CH3 ACT E . 6.78 -0.47 5.33
C ACT F . -10.88 -3.70 -10.26
O ACT F . -10.38 -2.59 -9.80
OXT ACT F . -10.46 -4.26 -11.34
CH3 ACT F . -12.01 -4.33 -9.49
S SO4 G . -7.24 -5.78 -0.04
O1 SO4 G . -7.89 -4.71 -0.83
O2 SO4 G . -6.57 -5.19 1.15
O3 SO4 G . -6.23 -6.48 -0.90
O4 SO4 G . -8.28 -6.73 0.41
S SO4 H . -7.01 -2.84 -18.02
O1 SO4 H . -8.37 -2.50 -17.45
O2 SO4 H . -6.66 -1.84 -19.05
O3 SO4 H . -7.03 -4.21 -18.61
O4 SO4 H . -5.99 -2.82 -16.95
C1 EDO I . -6.24 -3.40 16.91
O1 EDO I . -5.31 -4.23 17.61
C2 EDO I . -7.01 -4.25 15.89
O2 EDO I . -7.55 -3.40 14.87
#